data_3B9Q
#
_entry.id   3B9Q
#
_cell.length_a   87.897
_cell.length_b   84.150
_cell.length_c   99.374
_cell.angle_alpha   90.00
_cell.angle_beta   90.00
_cell.angle_gamma   90.00
#
_symmetry.space_group_name_H-M   'I 2 2 2'
#
loop_
_entity.id
_entity.type
_entity.pdbx_description
1 polymer 'Chloroplast SRP receptor homolog, alpha subunit CPFTSY'
2 non-polymer 'MALONATE ION'
3 water water
#
_entity_poly.entity_id   1
_entity_poly.type   'polypeptide(L)'
_entity_poly.pdbx_seq_one_letter_code
;EKVFSGFSKTRENLAVIDELLLFWNLAETDRVLDELEEALLVSDFGPKITVRIVERLREDIMSGKLKSGSEIKDALKESV
LEMLAKKNSKTELQLGFRKPAVIMIVGVNGGGKTTSLGKLAHRLKNEGTKVLMAAGDTFRAAASDQLEIWAERTGCEIVV
AEGDKAKAATVLSKAVKRGKEEGYDVVLCDTSGRLHTNYSLMEELIACKKAVGKIVSGAPNEILLVLDGNTGLNMLPQAR
EFNEVVGITGLILTKLDGSARGGCVVSVVEELGIPVKFIGVGEAVEDLQPFDPEAFVNAIFS
;
_entity_poly.pdbx_strand_id   A
#
loop_
_chem_comp.id
_chem_comp.type
_chem_comp.name
_chem_comp.formula
MLI non-polymer 'MALONATE ION' 'C3 H2 O4 -2'
#
# COMPACT_ATOMS: atom_id res chain seq x y z
N GLU A 1 -4.57 6.48 15.34
CA GLU A 1 -5.45 5.87 16.34
C GLU A 1 -5.66 4.34 16.08
N LYS A 2 -6.42 4.04 15.04
CA LYS A 2 -6.46 2.71 14.44
C LYS A 2 -5.10 2.34 13.81
N VAL A 3 -4.27 3.34 13.52
CA VAL A 3 -2.91 3.06 13.00
C VAL A 3 -2.01 2.66 14.18
N PHE A 4 -2.27 3.29 15.32
CA PHE A 4 -1.62 2.88 16.56
C PHE A 4 -1.88 1.43 16.91
N SER A 5 -3.10 0.95 16.66
CA SER A 5 -3.47 -0.45 16.92
C SER A 5 -2.95 -1.40 15.84
N GLY A 6 -3.02 -0.95 14.58
CA GLY A 6 -2.53 -1.71 13.42
C GLY A 6 -1.10 -2.20 13.55
N PHE A 7 -0.28 -1.43 14.27
CA PHE A 7 1.15 -1.75 14.45
C PHE A 7 1.56 -1.78 15.93
N SER A 8 0.60 -2.09 16.80
CA SER A 8 0.83 -2.10 18.27
C SER A 8 2.03 -2.93 18.72
N LYS A 9 2.19 -4.13 18.14
CA LYS A 9 3.30 -5.01 18.50
C LYS A 9 4.65 -4.47 18.01
N THR A 10 4.68 -3.89 16.81
CA THR A 10 5.91 -3.20 16.33
C THR A 10 6.35 -2.12 17.32
N ARG A 11 5.41 -1.26 17.70
CA ARG A 11 5.71 -0.21 18.70
C ARG A 11 6.31 -0.74 19.99
N GLU A 12 5.67 -1.80 20.52
CA GLU A 12 6.14 -2.49 21.71
C GLU A 12 7.56 -3.01 21.56
N ASN A 13 7.86 -3.58 20.40
CA ASN A 13 9.18 -4.14 20.18
C ASN A 13 10.21 -3.07 19.96
N LEU A 14 9.81 -1.99 19.27
CA LEU A 14 10.77 -0.89 18.99
C LEU A 14 11.06 -0.03 20.23
N ALA A 15 10.19 -0.15 21.23
CA ALA A 15 10.41 0.56 22.51
C ALA A 15 11.77 0.27 23.18
N VAL A 16 12.34 -0.91 22.92
CA VAL A 16 13.70 -1.24 23.39
C VAL A 16 14.72 -0.13 23.04
N ILE A 17 14.53 0.53 21.89
CA ILE A 17 15.41 1.63 21.47
C ILE A 17 15.53 2.76 22.51
N ASP A 18 14.39 3.13 23.09
CA ASP A 18 14.39 4.15 24.15
C ASP A 18 15.23 3.67 25.34
N GLU A 19 15.13 2.39 25.70
CA GLU A 19 15.92 1.88 26.83
C GLU A 19 17.41 1.88 26.47
N LEU A 20 17.76 1.40 25.28
CA LEU A 20 19.15 1.41 24.86
C LEU A 20 19.80 2.80 24.90
N LEU A 21 19.04 3.80 24.45
CA LEU A 21 19.52 5.19 24.32
C LEU A 21 19.76 5.85 25.67
N LEU A 22 19.13 5.30 26.73
CA LEU A 22 19.47 5.73 28.09
C LEU A 22 20.96 5.55 28.38
N PHE A 23 21.57 4.55 27.75
CA PHE A 23 23.00 4.27 27.97
C PHE A 23 23.96 4.87 26.93
N TRP A 24 23.42 5.73 26.07
CA TRP A 24 24.26 6.39 25.07
C TRP A 24 25.14 7.50 25.66
N ASN A 25 26.40 7.45 25.27
CA ASN A 25 27.26 8.66 25.26
C ASN A 25 28.18 8.53 24.05
N LEU A 26 29.02 9.53 23.78
CA LEU A 26 29.80 9.50 22.54
C LEU A 26 30.63 8.20 22.48
N ALA A 27 31.36 7.88 23.55
CA ALA A 27 32.17 6.66 23.59
C ALA A 27 31.38 5.34 23.45
N GLU A 28 30.09 5.34 23.85
CA GLU A 28 29.22 4.16 23.76
C GLU A 28 28.53 4.00 22.37
N THR A 29 28.77 4.93 21.47
CA THR A 29 28.02 5.04 20.20
C THR A 29 27.95 3.72 19.42
N ASP A 30 29.09 3.09 19.18
CA ASP A 30 29.06 1.90 18.33
C ASP A 30 28.30 0.74 18.96
N ARG A 31 28.45 0.57 20.27
CA ARG A 31 27.66 -0.45 20.99
C ARG A 31 26.16 -0.18 20.92
N VAL A 32 25.76 1.08 21.16
CA VAL A 32 24.35 1.44 21.11
C VAL A 32 23.81 1.21 19.68
N LEU A 33 24.58 1.65 18.69
CA LEU A 33 24.14 1.48 17.27
C LEU A 33 24.05 0.00 16.86
N ASP A 34 24.91 -0.85 17.39
CA ASP A 34 24.78 -2.31 17.14
C ASP A 34 23.45 -2.87 17.65
N GLU A 35 23.07 -2.47 18.86
CA GLU A 35 21.78 -2.88 19.45
C GLU A 35 20.58 -2.26 18.67
N LEU A 36 20.69 -0.98 18.35
CA LEU A 36 19.69 -0.30 17.55
C LEU A 36 19.46 -0.96 16.19
N GLU A 37 20.55 -1.29 15.48
CA GLU A 37 20.49 -2.10 14.26
C GLU A 37 19.69 -3.42 14.45
N GLU A 38 20.06 -4.21 15.46
CA GLU A 38 19.32 -5.45 15.76
C GLU A 38 17.83 -5.21 16.00
N ALA A 39 17.50 -4.13 16.71
CA ALA A 39 16.07 -3.82 16.96
C ALA A 39 15.28 -3.51 15.67
N LEU A 40 15.86 -2.70 14.80
CA LEU A 40 15.19 -2.45 13.51
C LEU A 40 15.03 -3.74 12.71
N LEU A 41 16.05 -4.60 12.68
CA LEU A 41 15.98 -5.84 11.87
C LEU A 41 14.89 -6.75 12.40
N VAL A 42 14.77 -6.80 13.73
CA VAL A 42 13.73 -7.61 14.42
C VAL A 42 12.31 -7.18 14.02
N SER A 43 12.13 -5.87 13.81
CA SER A 43 10.84 -5.32 13.34
C SER A 43 10.67 -5.25 11.82
N ASP A 44 11.51 -5.96 11.08
CA ASP A 44 11.34 -6.12 9.62
C ASP A 44 11.65 -4.85 8.82
N PHE A 45 12.50 -3.98 9.36
CA PHE A 45 13.21 -3.04 8.50
C PHE A 45 14.23 -3.82 7.70
N GLY A 46 14.24 -3.68 6.37
CA GLY A 46 15.19 -4.48 5.55
C GLY A 46 16.64 -4.13 5.78
N PRO A 47 17.56 -5.04 5.42
CA PRO A 47 18.95 -4.69 5.64
C PRO A 47 19.38 -3.39 4.97
N LYS A 48 18.91 -3.12 3.74
CA LYS A 48 19.36 -1.95 2.99
C LYS A 48 19.02 -0.67 3.75
N ILE A 49 17.77 -0.57 4.19
CA ILE A 49 17.34 0.64 4.92
C ILE A 49 17.93 0.70 6.34
N THR A 50 18.07 -0.45 7.00
CA THR A 50 18.67 -0.47 8.36
C THR A 50 20.07 0.10 8.37
N VAL A 51 20.89 -0.31 7.39
CA VAL A 51 22.28 0.16 7.40
C VAL A 51 22.35 1.64 7.04
N ARG A 52 21.51 2.05 6.08
CA ARG A 52 21.38 3.44 5.68
C ARG A 52 21.03 4.31 6.92
N ILE A 53 19.99 3.89 7.67
CA ILE A 53 19.55 4.61 8.91
C ILE A 53 20.67 4.70 9.96
N VAL A 54 21.29 3.55 10.26
CA VAL A 54 22.29 3.41 11.32
C VAL A 54 23.55 4.16 10.97
N GLU A 55 24.00 4.04 9.71
CA GLU A 55 25.25 4.70 9.33
C GLU A 55 25.10 6.23 9.32
N ARG A 56 23.93 6.73 8.95
CA ARG A 56 23.68 8.19 9.02
C ARG A 56 23.65 8.69 10.47
N LEU A 57 22.96 7.97 11.36
CA LEU A 57 23.07 8.27 12.81
C LEU A 57 24.52 8.32 13.28
N ARG A 58 25.31 7.31 12.94
CA ARG A 58 26.70 7.29 13.32
C ARG A 58 27.54 8.48 12.81
N GLU A 59 27.41 8.78 11.52
CA GLU A 59 27.81 10.07 10.94
C GLU A 59 27.41 11.32 11.70
N ASP A 60 26.13 11.46 12.00
CA ASP A 60 25.64 12.70 12.60
C ASP A 60 26.02 12.82 14.08
N ILE A 61 26.15 11.67 14.74
CA ILE A 61 26.72 11.61 16.13
C ILE A 61 28.20 12.00 16.09
N MET A 62 28.96 11.41 15.18
CA MET A 62 30.40 11.72 15.13
C MET A 62 30.70 13.19 14.76
N SER A 63 29.88 13.79 13.92
CA SER A 63 30.09 15.21 13.50
C SER A 63 29.55 16.23 14.52
N GLY A 64 28.88 15.72 15.54
CA GLY A 64 28.35 16.54 16.63
C GLY A 64 26.99 17.19 16.37
N LYS A 65 26.32 16.79 15.28
CA LYS A 65 24.95 17.25 14.98
C LYS A 65 23.91 16.71 16.01
N LEU A 66 24.18 15.52 16.54
CA LEU A 66 23.35 14.76 17.48
C LEU A 66 24.13 14.55 18.81
N LYS A 67 23.63 15.15 19.89
CA LYS A 67 24.38 15.19 21.18
C LYS A 67 23.68 14.60 22.42
N SER A 68 22.52 13.97 22.24
CA SER A 68 21.73 13.38 23.35
C SER A 68 20.91 12.24 22.80
N GLY A 69 20.49 11.32 23.67
CA GLY A 69 19.57 10.23 23.26
C GLY A 69 18.25 10.71 22.65
N SER A 70 17.70 11.81 23.19
CA SER A 70 16.45 12.31 22.64
C SER A 70 16.71 12.82 21.20
N GLU A 71 17.83 13.49 20.99
CA GLU A 71 18.12 14.04 19.65
C GLU A 71 18.32 12.87 18.67
N ILE A 72 19.04 11.83 19.09
CA ILE A 72 19.24 10.60 18.26
C ILE A 72 17.90 9.93 17.92
N LYS A 73 17.03 9.80 18.91
CA LYS A 73 15.70 9.21 18.70
C LYS A 73 14.89 9.99 17.65
N ASP A 74 14.85 11.32 17.77
CA ASP A 74 14.12 12.13 16.81
C ASP A 74 14.74 12.10 15.39
N ALA A 75 16.07 12.03 15.33
CA ALA A 75 16.80 11.87 14.06
C ALA A 75 16.41 10.53 13.41
N LEU A 76 16.24 9.50 14.23
CA LEU A 76 15.82 8.19 13.74
C LEU A 76 14.43 8.29 13.10
N LYS A 77 13.47 8.92 13.82
CA LYS A 77 12.14 9.13 13.26
C LYS A 77 12.23 9.95 11.94
N GLU A 78 13.05 11.01 11.93
CA GLU A 78 13.17 11.85 10.74
C GLU A 78 13.68 11.05 9.52
N SER A 79 14.68 10.18 9.75
CA SER A 79 15.22 9.35 8.65
CA SER A 79 15.23 9.37 8.65
C SER A 79 14.15 8.46 8.06
N VAL A 80 13.40 7.82 8.93
CA VAL A 80 12.29 6.97 8.51
C VAL A 80 11.21 7.73 7.76
N LEU A 81 10.73 8.84 8.34
CA LEU A 81 9.74 9.68 7.65
C LEU A 81 10.20 10.11 6.24
N GLU A 82 11.46 10.53 6.14
CA GLU A 82 12.05 10.98 4.86
C GLU A 82 12.10 9.86 3.80
N MET A 83 12.37 8.63 4.22
CA MET A 83 12.31 7.50 3.29
C MET A 83 10.89 7.25 2.82
N LEU A 84 9.90 7.54 3.66
CA LEU A 84 8.51 7.30 3.27
C LEU A 84 7.94 8.32 2.28
N ALA A 85 8.31 9.59 2.47
CA ALA A 85 7.77 10.68 1.67
C ALA A 85 8.78 11.28 0.68
N LYS A 86 9.81 10.52 0.31
CA LYS A 86 10.78 10.93 -0.70
C LYS A 86 10.15 10.88 -2.09
N SER A 89 4.98 12.48 -1.57
CA SER A 89 5.15 11.30 -2.42
C SER A 89 3.85 11.00 -3.18
N LYS A 90 2.96 12.00 -3.22
CA LYS A 90 1.57 11.83 -3.65
C LYS A 90 0.96 10.54 -3.10
N THR A 91 0.61 10.57 -1.82
CA THR A 91 -0.10 9.43 -1.23
C THR A 91 -1.59 9.43 -1.61
N GLU A 92 -2.09 10.58 -2.04
CA GLU A 92 -3.50 10.70 -2.46
C GLU A 92 -3.77 10.02 -3.81
N LEU A 93 -5.00 9.60 -4.04
CA LEU A 93 -5.41 9.17 -5.39
C LEU A 93 -5.26 10.36 -6.33
N GLN A 94 -4.68 10.09 -7.50
CA GLN A 94 -4.36 11.10 -8.48
C GLN A 94 -5.33 10.94 -9.65
N LEU A 95 -6.53 11.48 -9.48
CA LEU A 95 -7.60 11.29 -10.45
C LEU A 95 -7.74 12.41 -11.51
N GLY A 96 -6.97 13.49 -11.36
CA GLY A 96 -7.02 14.62 -12.29
C GLY A 96 -8.40 15.26 -12.41
N PHE A 97 -8.74 15.69 -13.61
CA PHE A 97 -10.05 16.34 -13.82
C PHE A 97 -10.88 15.75 -14.96
N ARG A 98 -10.20 15.21 -15.97
CA ARG A 98 -10.87 14.57 -17.10
C ARG A 98 -11.68 13.35 -16.63
N LYS A 99 -12.85 13.16 -17.24
CA LYS A 99 -13.73 12.08 -16.82
C LYS A 99 -13.96 11.11 -17.97
N PRO A 100 -14.07 9.81 -17.66
CA PRO A 100 -13.91 9.26 -16.30
C PRO A 100 -12.45 8.94 -15.92
N ALA A 101 -12.13 9.11 -14.63
CA ALA A 101 -10.95 8.51 -14.03
C ALA A 101 -11.13 6.98 -14.04
N VAL A 102 -10.06 6.26 -14.33
CA VAL A 102 -10.10 4.80 -14.34
C VAL A 102 -9.08 4.26 -13.31
N ILE A 103 -9.55 3.45 -12.34
CA ILE A 103 -8.66 2.82 -11.34
C ILE A 103 -8.69 1.29 -11.47
N MET A 104 -7.52 0.67 -11.63
CA MET A 104 -7.39 -0.81 -11.52
C MET A 104 -6.85 -1.29 -10.16
N ILE A 105 -7.51 -2.31 -9.58
CA ILE A 105 -7.03 -2.95 -8.36
C ILE A 105 -6.49 -4.34 -8.72
N VAL A 106 -5.26 -4.62 -8.28
CA VAL A 106 -4.58 -5.91 -8.57
C VAL A 106 -3.95 -6.56 -7.32
N GLY A 107 -3.71 -7.86 -7.36
CA GLY A 107 -3.07 -8.54 -6.24
C GLY A 107 -3.39 -10.02 -6.26
N VAL A 108 -2.68 -10.75 -5.44
CA VAL A 108 -2.84 -12.22 -5.36
C VAL A 108 -3.82 -12.58 -4.20
N ASN A 109 -4.23 -13.85 -4.15
CA ASN A 109 -5.22 -14.34 -3.17
C ASN A 109 -4.71 -14.12 -1.73
N GLY A 110 -5.60 -13.76 -0.83
CA GLY A 110 -5.26 -13.61 0.58
C GLY A 110 -5.00 -12.17 0.98
N GLY A 111 -4.84 -11.31 -0.01
CA GLY A 111 -4.55 -9.87 0.23
C GLY A 111 -5.75 -8.98 0.47
N GLY A 112 -6.93 -9.49 0.22
CA GLY A 112 -8.12 -8.65 0.25
C GLY A 112 -8.31 -7.70 -0.94
N LYS A 113 -7.91 -8.15 -2.16
CA LYS A 113 -8.01 -7.35 -3.39
C LYS A 113 -9.44 -6.83 -3.65
N THR A 114 -10.36 -7.79 -3.77
CA THR A 114 -11.80 -7.48 -4.07
C THR A 114 -12.47 -6.72 -2.94
N THR A 115 -12.20 -7.16 -1.71
CA THR A 115 -12.76 -6.54 -0.51
C THR A 115 -12.34 -5.07 -0.41
N SER A 116 -11.07 -4.82 -0.64
CA SER A 116 -10.54 -3.40 -0.63
C SER A 116 -11.18 -2.55 -1.71
N LEU A 117 -11.38 -3.10 -2.90
CA LEU A 117 -12.06 -2.36 -3.95
C LEU A 117 -13.47 -1.95 -3.42
N GLY A 118 -14.21 -2.89 -2.85
CA GLY A 118 -15.49 -2.53 -2.20
C GLY A 118 -15.42 -1.45 -1.14
N LYS A 119 -14.45 -1.57 -0.23
CA LYS A 119 -14.25 -0.55 0.78
C LYS A 119 -13.88 0.81 0.16
N LEU A 120 -13.10 0.78 -0.91
CA LEU A 120 -12.73 2.02 -1.59
C LEU A 120 -13.96 2.72 -2.21
N ALA A 121 -14.85 1.90 -2.75
CA ALA A 121 -16.04 2.37 -3.44
C ALA A 121 -16.96 3.04 -2.44
N HIS A 122 -17.07 2.46 -1.25
CA HIS A 122 -17.76 3.06 -0.10
C HIS A 122 -17.27 4.48 0.21
N ARG A 123 -15.95 4.62 0.39
CA ARG A 123 -15.29 5.92 0.55
C ARG A 123 -15.67 6.93 -0.51
N LEU A 124 -15.47 6.58 -1.78
CA LEU A 124 -15.75 7.50 -2.89
C LEU A 124 -17.22 7.87 -2.94
N LYS A 125 -18.09 6.88 -2.83
CA LYS A 125 -19.54 7.17 -2.82
C LYS A 125 -19.90 8.21 -1.77
N ASN A 126 -19.35 8.04 -0.57
CA ASN A 126 -19.60 8.98 0.54
C ASN A 126 -19.12 10.41 0.33
N GLU A 127 -18.10 10.58 -0.50
CA GLU A 127 -17.59 11.89 -0.91
C GLU A 127 -18.40 12.49 -2.08
N GLY A 128 -19.43 11.76 -2.53
CA GLY A 128 -20.34 12.22 -3.56
C GLY A 128 -19.85 11.92 -4.98
N THR A 129 -18.88 11.02 -5.09
CA THR A 129 -18.32 10.64 -6.39
C THR A 129 -19.23 9.62 -7.06
N LYS A 130 -19.41 9.75 -8.37
CA LYS A 130 -20.28 8.83 -9.13
C LYS A 130 -19.43 7.70 -9.62
N VAL A 131 -19.64 6.50 -9.06
CA VAL A 131 -18.73 5.35 -9.28
C VAL A 131 -19.38 4.22 -10.10
N LEU A 132 -18.72 3.77 -11.17
CA LEU A 132 -19.07 2.50 -11.82
C LEU A 132 -18.09 1.39 -11.48
N MET A 133 -18.62 0.24 -11.05
CA MET A 133 -17.77 -0.89 -10.78
C MET A 133 -17.67 -1.79 -11.99
N ALA A 134 -16.52 -2.44 -12.13
CA ALA A 134 -16.26 -3.39 -13.22
C ALA A 134 -15.70 -4.71 -12.64
N ALA A 135 -16.47 -5.79 -12.83
CA ALA A 135 -16.16 -7.10 -12.28
C ALA A 135 -15.19 -7.86 -13.22
N GLY A 136 -13.96 -7.35 -13.28
CA GLY A 136 -12.89 -7.91 -14.12
C GLY A 136 -12.11 -9.05 -13.50
N ASP A 137 -12.50 -9.49 -12.29
CA ASP A 137 -11.89 -10.70 -11.72
C ASP A 137 -12.63 -11.89 -12.34
N THR A 138 -12.18 -12.28 -13.52
CA THR A 138 -12.89 -13.33 -14.27
C THR A 138 -12.45 -14.71 -13.81
N PHE A 139 -11.31 -14.81 -13.10
CA PHE A 139 -10.77 -16.10 -12.68
C PHE A 139 -11.54 -16.67 -11.48
N ARG A 140 -11.97 -15.79 -10.59
CA ARG A 140 -12.70 -16.15 -9.35
C ARG A 140 -14.19 -15.77 -9.35
N ALA A 141 -15.05 -16.76 -9.60
CA ALA A 141 -16.49 -16.57 -9.56
C ALA A 141 -17.01 -15.93 -8.25
N ALA A 142 -16.45 -16.37 -7.13
CA ALA A 142 -16.85 -15.85 -5.82
C ALA A 142 -16.53 -14.36 -5.71
N ALA A 143 -15.44 -13.91 -6.35
CA ALA A 143 -15.13 -12.45 -6.36
C ALA A 143 -16.14 -11.57 -7.09
N SER A 144 -16.61 -12.02 -8.26
CA SER A 144 -17.62 -11.35 -9.03
C SER A 144 -18.90 -11.21 -8.20
N ASP A 145 -19.37 -12.32 -7.62
CA ASP A 145 -20.54 -12.29 -6.74
C ASP A 145 -20.34 -11.36 -5.55
N GLN A 146 -19.13 -11.39 -4.96
CA GLN A 146 -18.84 -10.50 -3.85
C GLN A 146 -18.87 -9.04 -4.32
N LEU A 147 -18.37 -8.76 -5.53
CA LEU A 147 -18.43 -7.37 -6.02
C LEU A 147 -19.90 -6.90 -6.28
N GLU A 148 -20.76 -7.79 -6.77
CA GLU A 148 -22.21 -7.48 -6.86
C GLU A 148 -22.82 -7.14 -5.50
N ILE A 149 -22.41 -7.84 -4.44
CA ILE A 149 -22.84 -7.55 -3.06
C ILE A 149 -22.35 -6.15 -2.64
N TRP A 150 -21.08 -5.82 -2.93
CA TRP A 150 -20.53 -4.49 -2.65
C TRP A 150 -21.23 -3.37 -3.42
N ALA A 151 -21.57 -3.67 -4.67
CA ALA A 151 -22.30 -2.78 -5.57
C ALA A 151 -23.63 -2.41 -4.93
N GLU A 152 -24.33 -3.40 -4.41
CA GLU A 152 -25.62 -3.18 -3.78
C GLU A 152 -25.54 -2.38 -2.47
N ARG A 153 -24.56 -2.72 -1.63
CA ARG A 153 -24.35 -2.03 -0.36
C ARG A 153 -24.00 -0.54 -0.56
N THR A 154 -23.17 -0.24 -1.55
CA THR A 154 -22.65 1.12 -1.72
C THR A 154 -23.49 1.94 -2.71
N GLY A 155 -24.42 1.29 -3.40
CA GLY A 155 -25.22 1.97 -4.42
C GLY A 155 -24.46 2.33 -5.68
N CYS A 156 -23.49 1.51 -6.04
CA CYS A 156 -22.85 1.64 -7.35
C CYS A 156 -23.54 0.74 -8.35
N GLU A 157 -23.50 1.13 -9.62
CA GLU A 157 -23.84 0.23 -10.72
C GLU A 157 -22.60 -0.62 -10.96
N ILE A 158 -22.80 -1.75 -11.60
CA ILE A 158 -21.73 -2.69 -11.81
C ILE A 158 -21.89 -3.42 -13.12
N VAL A 159 -20.78 -3.49 -13.82
CA VAL A 159 -20.66 -4.23 -15.04
C VAL A 159 -20.08 -5.60 -14.72
N VAL A 160 -20.80 -6.65 -15.11
CA VAL A 160 -20.39 -8.03 -14.82
C VAL A 160 -20.08 -8.83 -16.07
N ALA A 161 -19.27 -9.86 -15.93
CA ALA A 161 -18.94 -10.72 -17.06
C ALA A 161 -20.21 -11.45 -17.51
N GLU A 162 -20.28 -11.70 -18.81
CA GLU A 162 -21.41 -12.41 -19.41
C GLU A 162 -21.09 -13.90 -19.65
N LYS A 165 -16.07 -18.41 -19.89
CA LYS A 165 -15.51 -17.42 -19.00
C LYS A 165 -14.90 -16.25 -19.78
N ALA A 166 -15.35 -15.05 -19.41
CA ALA A 166 -15.04 -13.80 -20.08
C ALA A 166 -13.56 -13.44 -20.04
N LYS A 167 -13.14 -12.60 -20.98
CA LYS A 167 -11.81 -12.00 -20.92
C LYS A 167 -11.92 -10.73 -20.12
N ALA A 168 -11.11 -10.61 -19.08
CA ALA A 168 -11.11 -9.42 -18.22
C ALA A 168 -10.97 -8.12 -19.05
N ALA A 169 -10.09 -8.11 -20.05
CA ALA A 169 -9.93 -6.90 -20.83
C ALA A 169 -11.23 -6.49 -21.53
N THR A 170 -12.02 -7.46 -21.99
CA THR A 170 -13.33 -7.14 -22.59
C THR A 170 -14.36 -6.52 -21.60
N VAL A 171 -14.44 -7.08 -20.39
CA VAL A 171 -15.30 -6.51 -19.32
C VAL A 171 -14.86 -5.09 -18.98
N LEU A 172 -13.56 -4.88 -18.82
CA LEU A 172 -13.05 -3.55 -18.47
C LEU A 172 -13.28 -2.54 -19.59
N SER A 173 -12.97 -2.95 -20.82
CA SER A 173 -13.28 -2.14 -22.00
C SER A 173 -14.74 -1.67 -22.02
N LYS A 174 -15.67 -2.60 -21.75
CA LYS A 174 -17.10 -2.33 -21.71
C LYS A 174 -17.46 -1.33 -20.62
N ALA A 175 -16.86 -1.51 -19.44
CA ALA A 175 -17.20 -0.69 -18.29
C ALA A 175 -16.74 0.74 -18.50
N VAL A 176 -15.51 0.90 -19.02
CA VAL A 176 -14.95 2.25 -19.27
C VAL A 176 -15.73 3.00 -20.37
N LYS A 177 -16.08 2.32 -21.47
CA LYS A 177 -16.99 2.86 -22.50
C LYS A 177 -18.27 3.39 -21.87
N ARG A 178 -18.91 2.56 -21.05
CA ARG A 178 -20.12 2.99 -20.34
C ARG A 178 -19.91 4.13 -19.33
N GLY A 179 -18.88 4.01 -18.48
CA GLY A 179 -18.33 5.23 -17.79
C GLY A 179 -18.31 6.56 -18.47
N LYS A 180 -17.70 6.58 -19.64
CA LYS A 180 -17.54 7.78 -20.46
C LYS A 180 -18.92 8.23 -21.00
N GLU A 181 -19.60 7.30 -21.67
CA GLU A 181 -20.93 7.56 -22.27
C GLU A 181 -22.00 8.05 -21.28
N GLU A 182 -22.02 7.47 -20.09
CA GLU A 182 -23.04 7.76 -19.06
C GLU A 182 -22.62 8.76 -17.99
N GLY A 183 -21.53 9.47 -18.20
CA GLY A 183 -21.06 10.56 -17.31
C GLY A 183 -20.58 10.23 -15.88
N TYR A 184 -20.02 9.05 -15.67
CA TYR A 184 -19.45 8.68 -14.39
C TYR A 184 -18.16 9.42 -14.08
N ASP A 185 -17.86 9.60 -12.80
CA ASP A 185 -16.62 10.23 -12.34
C ASP A 185 -15.42 9.27 -12.32
N VAL A 186 -15.69 8.04 -11.87
CA VAL A 186 -14.66 7.02 -11.70
C VAL A 186 -15.20 5.65 -12.11
N VAL A 187 -14.45 4.91 -12.93
CA VAL A 187 -14.69 3.48 -13.16
C VAL A 187 -13.67 2.70 -12.32
N LEU A 188 -14.18 1.87 -11.41
CA LEU A 188 -13.35 1.16 -10.44
C LEU A 188 -13.31 -0.33 -10.85
N CYS A 189 -12.13 -0.77 -11.33
CA CYS A 189 -11.98 -2.07 -11.99
C CYS A 189 -11.28 -3.16 -11.17
N ASP A 190 -12.00 -4.22 -10.83
CA ASP A 190 -11.35 -5.45 -10.32
C ASP A 190 -10.58 -6.21 -11.41
N THR A 191 -9.63 -7.02 -11.00
CA THR A 191 -8.89 -7.90 -11.93
C THR A 191 -8.68 -9.31 -11.34
N SER A 192 -8.14 -10.24 -12.12
CA SER A 192 -8.18 -11.64 -11.71
CA SER A 192 -8.15 -11.65 -11.72
C SER A 192 -7.25 -11.98 -10.53
N GLY A 193 -7.77 -12.77 -9.59
CA GLY A 193 -7.00 -13.18 -8.42
C GLY A 193 -6.52 -14.61 -8.58
N ARG A 194 -5.21 -14.79 -8.38
CA ARG A 194 -4.52 -16.08 -8.39
C ARG A 194 -3.73 -16.29 -7.10
N LEU A 195 -3.38 -17.56 -6.85
CA LEU A 195 -2.63 -17.93 -5.67
C LEU A 195 -1.23 -17.26 -5.68
N HIS A 196 -0.59 -17.28 -6.84
CA HIS A 196 0.77 -16.76 -7.02
C HIS A 196 0.82 -16.03 -8.35
N THR A 197 1.75 -15.08 -8.50
CA THR A 197 1.98 -14.47 -9.81
C THR A 197 2.40 -15.55 -10.78
N ASN A 198 1.93 -15.42 -12.01
CA ASN A 198 2.44 -16.24 -13.09
C ASN A 198 2.32 -15.49 -14.40
N TYR A 199 2.83 -16.11 -15.45
CA TYR A 199 2.78 -15.58 -16.80
C TYR A 199 1.38 -15.18 -17.28
N SER A 200 0.43 -16.11 -17.16
CA SER A 200 -0.95 -15.86 -17.57
C SER A 200 -1.50 -14.58 -16.94
N LEU A 201 -1.23 -14.40 -15.64
CA LEU A 201 -1.74 -13.25 -14.89
C LEU A 201 -1.17 -11.94 -15.44
N MET A 202 0.14 -11.92 -15.59
CA MET A 202 0.81 -10.69 -16.09
C MET A 202 0.31 -10.34 -17.49
N GLU A 203 0.20 -11.33 -18.38
CA GLU A 203 -0.30 -11.09 -19.75
C GLU A 203 -1.68 -10.42 -19.71
N GLU A 204 -2.55 -10.93 -18.84
CA GLU A 204 -3.91 -10.42 -18.71
C GLU A 204 -3.95 -8.98 -18.17
N LEU A 205 -3.17 -8.69 -17.15
CA LEU A 205 -3.06 -7.32 -16.64
C LEU A 205 -2.55 -6.32 -17.70
N ILE A 206 -1.54 -6.72 -18.48
CA ILE A 206 -1.07 -5.93 -19.63
C ILE A 206 -2.21 -5.62 -20.63
N ALA A 207 -2.96 -6.66 -21.00
CA ALA A 207 -4.11 -6.53 -21.87
C ALA A 207 -5.17 -5.59 -21.30
N CYS A 208 -5.44 -5.66 -19.99
CA CYS A 208 -6.48 -4.79 -19.41
C CYS A 208 -6.07 -3.33 -19.46
N LYS A 209 -4.77 -3.07 -19.18
CA LYS A 209 -4.20 -1.74 -19.23
C LYS A 209 -4.27 -1.14 -20.64
N LYS A 210 -3.95 -1.95 -21.64
CA LYS A 210 -4.05 -1.54 -23.04
C LYS A 210 -5.49 -1.26 -23.47
N ALA A 211 -6.41 -2.13 -23.04
CA ALA A 211 -7.81 -2.06 -23.46
C ALA A 211 -8.50 -0.81 -22.91
N VAL A 212 -8.23 -0.46 -21.64
CA VAL A 212 -8.85 0.74 -21.10
C VAL A 212 -8.17 1.99 -21.66
N GLY A 213 -6.87 1.90 -21.99
CA GLY A 213 -6.13 3.02 -22.63
C GLY A 213 -6.72 3.42 -23.98
N LYS A 214 -7.27 2.45 -24.71
CA LYS A 214 -7.86 2.66 -26.05
C LYS A 214 -9.14 3.45 -25.98
N ILE A 215 -9.80 3.43 -24.84
CA ILE A 215 -11.11 4.10 -24.70
C ILE A 215 -10.97 5.52 -24.12
N VAL A 216 -10.08 5.69 -23.16
CA VAL A 216 -9.86 6.97 -22.48
C VAL A 216 -8.35 7.23 -22.43
N SER A 217 -7.90 8.33 -23.04
CA SER A 217 -6.47 8.60 -23.14
C SER A 217 -5.92 8.75 -21.75
N GLY A 218 -4.80 8.09 -21.48
CA GLY A 218 -4.15 8.13 -20.19
C GLY A 218 -4.66 7.15 -19.13
N ALA A 219 -5.78 6.48 -19.40
CA ALA A 219 -6.30 5.39 -18.54
C ALA A 219 -5.37 4.17 -18.56
N PRO A 220 -5.26 3.44 -17.43
CA PRO A 220 -5.82 3.81 -16.11
C PRO A 220 -5.04 4.93 -15.37
N ASN A 221 -5.72 5.70 -14.53
CA ASN A 221 -5.11 6.76 -13.71
C ASN A 221 -4.25 6.20 -12.57
N GLU A 222 -4.72 5.08 -12.00
CA GLU A 222 -4.09 4.42 -10.87
C GLU A 222 -4.14 2.91 -11.12
N ILE A 223 -3.03 2.24 -10.86
CA ILE A 223 -3.01 0.77 -10.73
C ILE A 223 -2.51 0.48 -9.31
N LEU A 224 -3.46 0.09 -8.44
CA LEU A 224 -3.21 -0.17 -7.01
C LEU A 224 -2.99 -1.65 -6.70
N LEU A 225 -1.85 -1.96 -6.09
CA LEU A 225 -1.49 -3.34 -5.71
C LEU A 225 -1.83 -3.58 -4.25
N VAL A 226 -2.73 -4.55 -4.02
CA VAL A 226 -3.15 -4.96 -2.69
C VAL A 226 -2.26 -6.14 -2.18
N LEU A 227 -1.72 -5.99 -0.96
CA LEU A 227 -0.74 -6.91 -0.35
C LEU A 227 -1.12 -7.11 1.11
N ASP A 228 -1.16 -8.38 1.54
CA ASP A 228 -1.33 -8.74 2.97
C ASP A 228 -0.09 -8.23 3.75
N GLY A 229 -0.32 -7.23 4.62
CA GLY A 229 0.77 -6.67 5.46
C GLY A 229 1.59 -7.70 6.27
N ASN A 230 0.96 -8.81 6.61
CA ASN A 230 1.59 -9.87 7.41
C ASN A 230 2.70 -10.62 6.70
N THR A 231 2.77 -10.46 5.39
CA THR A 231 3.83 -11.07 4.62
C THR A 231 5.18 -10.35 4.81
N GLY A 232 5.16 -9.16 5.41
CA GLY A 232 6.38 -8.42 5.66
C GLY A 232 7.27 -8.27 4.43
N LEU A 233 8.56 -8.56 4.60
CA LEU A 233 9.58 -8.27 3.61
C LEU A 233 9.45 -9.16 2.34
N ASN A 234 8.78 -10.28 2.50
CA ASN A 234 8.43 -11.22 1.42
C ASN A 234 7.47 -10.61 0.38
N MET A 235 7.00 -9.39 0.63
CA MET A 235 6.15 -8.66 -0.33
C MET A 235 7.01 -7.89 -1.34
N LEU A 236 8.28 -7.68 -1.03
CA LEU A 236 9.18 -6.92 -1.92
C LEU A 236 9.31 -7.52 -3.35
N PRO A 237 9.80 -8.78 -3.50
CA PRO A 237 9.85 -9.45 -4.83
C PRO A 237 8.55 -9.42 -5.64
N GLN A 238 7.43 -9.57 -4.96
CA GLN A 238 6.18 -9.61 -5.69
C GLN A 238 5.79 -8.22 -6.19
N ALA A 239 5.93 -7.21 -5.32
CA ALA A 239 5.64 -5.84 -5.74
C ALA A 239 6.55 -5.41 -6.85
N ARG A 240 7.82 -5.86 -6.78
CA ARG A 240 8.75 -5.50 -7.83
C ARG A 240 8.30 -6.11 -9.17
N GLU A 241 7.77 -7.33 -9.12
CA GLU A 241 7.32 -8.04 -10.33
C GLU A 241 6.11 -7.33 -10.94
N PHE A 242 5.07 -7.09 -10.13
CA PHE A 242 3.95 -6.30 -10.61
C PHE A 242 4.41 -4.95 -11.18
N ASN A 243 5.34 -4.29 -10.50
CA ASN A 243 5.78 -2.97 -10.97
C ASN A 243 6.55 -3.03 -12.30
N GLU A 244 7.45 -4.00 -12.41
CA GLU A 244 8.28 -4.17 -13.62
C GLU A 244 7.45 -4.50 -14.84
N VAL A 245 6.36 -5.23 -14.61
CA VAL A 245 5.55 -5.75 -15.70
C VAL A 245 4.39 -4.84 -16.06
N VAL A 246 3.71 -4.33 -15.03
CA VAL A 246 2.48 -3.57 -15.14
C VAL A 246 2.62 -2.07 -14.83
N GLY A 247 3.48 -1.70 -13.88
CA GLY A 247 3.58 -0.31 -13.52
C GLY A 247 2.52 0.00 -12.47
N ILE A 248 2.93 -0.07 -11.23
CA ILE A 248 2.03 0.13 -10.06
C ILE A 248 2.20 1.59 -9.61
N THR A 249 1.08 2.24 -9.31
CA THR A 249 1.08 3.62 -8.85
C THR A 249 0.91 3.81 -7.34
N GLY A 250 0.46 2.76 -6.65
CA GLY A 250 0.11 2.88 -5.24
C GLY A 250 -0.08 1.50 -4.63
N LEU A 251 0.19 1.41 -3.33
CA LEU A 251 0.01 0.17 -2.61
C LEU A 251 -1.13 0.28 -1.58
N ILE A 252 -1.76 -0.86 -1.36
CA ILE A 252 -2.73 -1.02 -0.31
C ILE A 252 -2.27 -2.19 0.54
N LEU A 253 -1.92 -1.93 1.82
CA LEU A 253 -1.44 -2.97 2.75
C LEU A 253 -2.55 -3.36 3.73
N THR A 254 -2.95 -4.63 3.72
CA THR A 254 -4.15 -5.01 4.44
C THR A 254 -3.81 -6.00 5.60
N LYS A 255 -4.84 -6.28 6.41
CA LYS A 255 -4.85 -7.38 7.42
C LYS A 255 -4.01 -7.08 8.64
N LEU A 256 -3.73 -5.80 8.89
CA LEU A 256 -2.93 -5.37 10.03
C LEU A 256 -3.77 -5.42 11.32
N ASP A 257 -3.26 -6.11 12.31
CA ASP A 257 -3.92 -6.25 13.57
C ASP A 257 -2.82 -6.46 14.60
N GLY A 258 -2.28 -5.36 15.13
CA GLY A 258 -1.13 -5.43 16.00
C GLY A 258 0.05 -6.15 15.33
N SER A 259 0.26 -5.87 14.04
CA SER A 259 1.42 -6.43 13.32
C SER A 259 2.71 -6.10 14.04
N ALA A 260 3.62 -7.08 14.08
CA ALA A 260 5.00 -6.85 14.55
C ALA A 260 5.95 -6.50 13.40
N ARG A 261 5.42 -6.34 12.19
CA ARG A 261 6.29 -6.24 11.01
C ARG A 261 6.38 -4.84 10.39
N GLY A 262 6.09 -3.82 11.19
CA GLY A 262 5.91 -2.46 10.67
C GLY A 262 7.05 -1.93 9.83
N GLY A 263 8.26 -2.45 10.06
CA GLY A 263 9.39 -2.02 9.27
C GLY A 263 9.23 -2.35 7.80
N CYS A 264 8.38 -3.31 7.47
CA CYS A 264 8.23 -3.70 6.07
C CYS A 264 7.59 -2.60 5.23
N VAL A 265 6.73 -1.80 5.86
CA VAL A 265 6.09 -0.65 5.21
C VAL A 265 7.09 0.35 4.65
N VAL A 266 8.09 0.73 5.46
CA VAL A 266 9.17 1.63 5.06
C VAL A 266 10.03 0.98 3.99
N SER A 267 10.25 -0.32 4.13
CA SER A 267 11.23 -1.01 3.29
C SER A 267 10.70 -1.07 1.87
N VAL A 268 9.41 -1.38 1.74
CA VAL A 268 8.82 -1.49 0.38
C VAL A 268 8.77 -0.14 -0.35
N VAL A 269 8.26 0.88 0.34
CA VAL A 269 8.21 2.24 -0.24
C VAL A 269 9.59 2.74 -0.67
N GLU A 270 10.60 2.57 0.20
CA GLU A 270 11.96 3.06 -0.09
C GLU A 270 12.55 2.31 -1.28
N GLU A 271 12.34 1.00 -1.33
CA GLU A 271 12.98 0.16 -2.35
C GLU A 271 12.45 0.44 -3.76
N LEU A 272 11.12 0.46 -3.86
CA LEU A 272 10.46 0.55 -5.15
C LEU A 272 9.96 1.96 -5.50
N GLY A 273 9.88 2.83 -4.52
CA GLY A 273 9.42 4.20 -4.73
C GLY A 273 7.94 4.31 -5.06
N ILE A 274 7.14 3.30 -4.69
CA ILE A 274 5.67 3.35 -4.85
C ILE A 274 5.06 3.68 -3.47
N PRO A 275 4.22 4.74 -3.38
CA PRO A 275 3.71 5.12 -2.07
C PRO A 275 2.67 4.11 -1.59
N VAL A 276 2.52 3.98 -0.28
CA VAL A 276 1.39 3.30 0.33
C VAL A 276 0.27 4.32 0.37
N LYS A 277 -0.86 3.99 -0.24
CA LYS A 277 -1.98 4.93 -0.31
C LYS A 277 -3.06 4.63 0.73
N PHE A 278 -3.31 3.33 0.95
CA PHE A 278 -4.28 2.93 1.95
C PHE A 278 -3.72 1.81 2.83
N ILE A 279 -4.18 1.73 4.08
CA ILE A 279 -3.87 0.60 4.95
C ILE A 279 -5.16 0.00 5.52
N GLY A 280 -5.24 -1.33 5.56
CA GLY A 280 -6.40 -2.01 6.11
C GLY A 280 -6.09 -2.46 7.52
N VAL A 281 -6.85 -1.94 8.49
CA VAL A 281 -6.57 -2.22 9.92
C VAL A 281 -7.75 -2.90 10.68
N GLY A 282 -8.65 -3.50 9.95
CA GLY A 282 -9.80 -4.13 10.61
C GLY A 282 -10.83 -4.53 9.58
N GLU A 283 -11.84 -5.28 10.04
CA GLU A 283 -12.80 -5.92 9.13
C GLU A 283 -14.05 -5.09 8.81
N ALA A 284 -14.16 -3.91 9.39
CA ALA A 284 -15.28 -3.02 9.10
C ALA A 284 -15.02 -2.18 7.85
N VAL A 285 -16.08 -1.61 7.26
CA VAL A 285 -15.89 -0.92 5.97
C VAL A 285 -14.99 0.30 6.08
N GLU A 286 -15.08 1.01 7.22
CA GLU A 286 -14.31 2.24 7.47
C GLU A 286 -12.84 1.94 7.76
N ASP A 287 -12.52 0.65 7.91
CA ASP A 287 -11.19 0.26 8.37
C ASP A 287 -10.16 0.20 7.24
N LEU A 288 -10.58 0.52 6.02
CA LEU A 288 -9.61 0.89 4.96
C LEU A 288 -9.33 2.41 5.04
N GLN A 289 -8.12 2.78 5.44
CA GLN A 289 -7.81 4.19 5.76
C GLN A 289 -6.72 4.77 4.90
N PRO A 290 -6.83 6.07 4.56
CA PRO A 290 -5.74 6.73 3.83
C PRO A 290 -4.45 6.67 4.65
N PHE A 291 -3.33 6.35 4.00
CA PHE A 291 -2.05 6.30 4.71
C PHE A 291 -1.50 7.71 5.02
N ASP A 292 -1.04 7.89 6.25
CA ASP A 292 -0.47 9.15 6.76
C ASP A 292 0.92 8.80 7.29
N PRO A 293 2.00 9.08 6.50
CA PRO A 293 3.37 8.72 6.91
C PRO A 293 3.81 9.28 8.27
N GLU A 294 3.47 10.53 8.58
CA GLU A 294 3.85 11.08 9.90
C GLU A 294 3.16 10.34 11.05
N ALA A 295 1.84 10.12 10.94
CA ALA A 295 1.11 9.33 11.95
C ALA A 295 1.67 7.91 12.10
N PHE A 296 2.01 7.26 10.99
CA PHE A 296 2.65 5.93 11.02
C PHE A 296 3.99 5.91 11.83
N VAL A 297 4.88 6.86 11.53
CA VAL A 297 6.16 6.97 12.21
C VAL A 297 5.94 7.21 13.72
N ASN A 298 4.96 8.03 14.07
CA ASN A 298 4.58 8.16 15.51
C ASN A 298 4.02 6.84 16.08
N ALA A 299 3.24 6.13 15.27
CA ALA A 299 2.58 4.91 15.71
C ALA A 299 3.59 3.81 16.05
N ILE A 300 4.72 3.78 15.34
CA ILE A 300 5.73 2.73 15.57
C ILE A 300 6.88 3.13 16.52
N PHE A 301 7.15 4.43 16.68
CA PHE A 301 8.25 4.88 17.54
C PHE A 301 7.82 5.57 18.84
N SER A 302 6.55 5.95 18.91
CA SER A 302 5.99 6.93 19.89
C SER A 302 6.49 8.35 19.64
C1 MLI B . -10.35 -12.01 -1.04
C2 MLI B . -8.88 -12.38 -0.97
C3 MLI B . -10.50 -10.63 -1.70
O6 MLI B . -8.26 -12.07 0.05
O7 MLI B . -8.32 -12.99 -1.92
O8 MLI B . -10.06 -10.50 -2.89
O9 MLI B . -11.06 -9.68 -1.06
#